data_7FOF
#
_entry.id   7FOF
#
_cell.length_a   88.047
_cell.length_b   82.056
_cell.length_c   93.109
_cell.angle_alpha   90
_cell.angle_beta   107.84
_cell.angle_gamma   90
#
_symmetry.space_group_name_H-M   'C 1 2 1'
#
loop_
_entity.id
_entity.type
_entity.pdbx_description
1 polymer 'Pre-mRNA-splicing factor 8'
2 polymer 'A1 cistron-splicing factor AAR2'
3 non-polymer (2R)-1-amino-3-(4-chloro-3-methylphenoxy)propan-2-ol
4 water water
#
loop_
_entity_poly.entity_id
_entity_poly.type
_entity_poly.pdbx_seq_one_letter_code
_entity_poly.pdbx_strand_id
1 'polypeptide(L)'
;GAMNSSNYAELFNNDIKLFVDDTNVYRVTVHKTFEGNVATKAINGCIFTLNPKTGHLFLKIIHTSVWAGQKRLSQLAKWK
TAEEVSALVRSLPKEEQPKQIIVTRKAMLDPLEVHMLDFPNIAIRPTELRLPFSAAMSIDKLSDVVMKATEPQMVLFNIY
DDWLDRISSYTAFSRLTLLLRALKTNEESAKMILLSDPTITIKSYHLWPSFTDEQWITIESQMRDLILTEYGRKYNVNIS
ALTQTEIKDIILGQNIKA
;
A
2 'polypeptide(L)'
;GAMAMNTVPFTSAPIEVTIGIDQYSFNVKENQPFHGIKDIPIGHVHVIHFQHADNSSMRYGYWFDCRMGNFYIQYDPKDG
LYKMMEERDGAKFENIVHNFKERQMMVSYPKIDEDDTWYNLTEFVQMDKIRKIVRKDENQFSYVDSSMTTVQENELSSSS
SDPAHSLNYTVINFKSREAIRPGHEMEDFLDKSYYLNTVMLQGIFKNSSNYFGELQFAFLNAMFFGNYGSSLQWHAMIEL
ICSSATVPKHMLDKLDEILYYQIKTLPEQYSDILLNERVWNICLYSSFQKNSLHNTEKIMENKYPELL
;
B
#
loop_
_chem_comp.id
_chem_comp.type
_chem_comp.name
_chem_comp.formula
W5L non-polymer (2R)-1-amino-3-(4-chloro-3-methylphenoxy)propan-2-ol 'C10 H14 Cl N O2'
#
# COMPACT_ATOMS: atom_id res chain seq x y z
N GLY A 1 15.00 7.19 -1.32
CA GLY A 1 14.40 7.17 0.01
C GLY A 1 14.18 8.54 0.63
N ALA A 2 14.22 8.62 1.95
CA ALA A 2 13.93 9.88 2.62
C ALA A 2 15.16 10.77 2.65
N MET A 3 14.91 12.08 2.70
CA MET A 3 15.95 13.11 2.68
C MET A 3 16.23 13.57 4.11
N ASN A 4 17.51 13.56 4.50
CA ASN A 4 17.87 13.88 5.89
C ASN A 4 19.24 14.56 5.91
N SER A 5 19.75 14.76 7.13
CA SER A 5 21.01 15.49 7.33
C SER A 5 22.13 14.95 6.44
N SER A 6 22.11 13.68 6.13
CA SER A 6 23.27 13.00 5.58
C SER A 6 23.33 13.03 4.07
N ASN A 7 22.19 13.01 3.39
CA ASN A 7 22.15 13.12 1.94
C ASN A 7 21.71 14.51 1.50
N TYR A 8 22.26 15.51 2.19
CA TYR A 8 21.86 16.91 2.04
C TYR A 8 22.37 17.50 0.73
N ALA A 9 23.58 17.13 0.33
CA ALA A 9 24.20 17.76 -0.83
C ALA A 9 23.59 17.33 -2.15
N GLU A 10 22.83 16.24 -2.18
CA GLU A 10 22.17 15.83 -3.43
C GLU A 10 21.27 16.95 -3.99
N LEU A 11 20.73 17.80 -3.11
CA LEU A 11 19.94 18.94 -3.53
C LEU A 11 20.66 19.83 -4.55
N PHE A 12 21.98 19.88 -4.51
CA PHE A 12 22.72 20.83 -5.33
C PHE A 12 23.47 20.17 -6.47
N ASN A 13 23.23 18.91 -6.71
CA ASN A 13 23.78 18.28 -7.90
C ASN A 13 22.93 18.70 -9.11
N ASN A 14 23.20 18.14 -10.27
CA ASN A 14 22.55 18.59 -11.50
C ASN A 14 21.40 17.69 -11.96
N ASP A 15 20.87 16.84 -11.09
CA ASP A 15 19.57 16.21 -11.31
C ASP A 15 18.47 17.18 -10.92
N ILE A 16 17.59 17.49 -11.86
CA ILE A 16 16.52 18.41 -11.54
C ILE A 16 15.67 17.80 -10.43
N LYS A 17 15.35 18.63 -9.42
CA LYS A 17 14.42 18.19 -8.37
C LYS A 17 13.64 19.38 -7.86
N LEU A 18 12.45 19.10 -7.32
CA LEU A 18 11.61 20.12 -6.69
C LEU A 18 11.15 19.71 -5.31
N PHE A 19 11.24 20.68 -4.39
CA PHE A 19 10.54 20.61 -3.13
C PHE A 19 9.09 21.02 -3.37
N VAL A 20 8.15 20.27 -2.78
CA VAL A 20 6.74 20.69 -2.71
C VAL A 20 6.32 20.83 -1.26
N ASP A 21 5.92 22.04 -0.86
CA ASP A 21 5.34 22.27 0.46
C ASP A 21 3.86 22.62 0.32
N ASP A 22 2.96 21.84 0.97
CA ASP A 22 1.52 22.10 0.98
C ASP A 22 0.95 22.81 2.22
N THR A 23 1.79 23.31 3.13
N THR A 23 1.80 23.34 3.11
CA THR A 23 1.28 23.81 4.41
CA THR A 23 1.35 23.84 4.41
C THR A 23 0.34 25.00 4.22
C THR A 23 0.51 25.11 4.32
N ASN A 24 0.57 25.82 3.20
CA ASN A 24 -0.20 27.06 3.03
C ASN A 24 -1.29 26.92 1.97
N VAL A 25 -1.64 25.68 1.60
CA VAL A 25 -2.63 25.49 0.55
C VAL A 25 -4.01 25.80 1.08
N TYR A 26 -4.37 25.24 2.22
CA TYR A 26 -5.69 25.45 2.83
C TYR A 26 -5.53 26.24 4.12
N ARG A 27 -6.02 27.48 4.11
CA ARG A 27 -5.77 28.44 5.18
C ARG A 27 -7.11 28.99 5.63
N VAL A 28 -7.29 29.05 6.94
CA VAL A 28 -8.57 29.52 7.47
C VAL A 28 -8.35 30.53 8.60
N THR A 29 -9.39 31.36 8.82
CA THR A 29 -9.59 32.07 10.07
C THR A 29 -10.69 31.31 10.78
N VAL A 30 -10.53 31.13 12.08
CA VAL A 30 -11.58 30.54 12.90
C VAL A 30 -12.26 31.66 13.68
N HIS A 31 -13.59 31.68 13.66
CA HIS A 31 -14.36 32.78 14.25
C HIS A 31 -15.66 32.25 14.82
N LYS A 32 -16.33 33.09 15.60
CA LYS A 32 -17.61 32.72 16.22
C LYS A 32 -18.80 33.14 15.37
N THR A 33 -19.84 32.33 15.39
CA THR A 33 -21.08 32.67 14.71
C THR A 33 -22.02 33.45 15.63
N PHE A 34 -23.08 34.05 15.06
CA PHE A 34 -24.03 34.78 15.88
C PHE A 34 -24.57 33.91 17.02
N GLU A 35 -24.83 32.64 16.73
CA GLU A 35 -25.36 31.70 17.71
C GLU A 35 -24.30 31.24 18.68
N GLY A 36 -23.07 31.76 18.57
CA GLY A 36 -22.02 31.38 19.48
C GLY A 36 -21.31 30.09 19.12
N ASN A 37 -21.50 29.57 17.92
CA ASN A 37 -20.77 28.40 17.45
C ASN A 37 -19.52 28.87 16.75
N VAL A 38 -18.65 27.94 16.47
CA VAL A 38 -17.41 28.28 15.78
C VAL A 38 -17.55 27.91 14.31
N ALA A 39 -16.93 28.71 13.43
CA ALA A 39 -16.98 28.50 11.99
C ALA A 39 -15.64 28.93 11.44
N THR A 40 -15.20 28.27 10.37
CA THR A 40 -14.01 28.66 9.64
C THR A 40 -14.42 29.49 8.44
N LYS A 41 -13.59 30.47 8.07
CA LYS A 41 -13.67 31.15 6.78
C LYS A 41 -12.35 31.00 6.07
N ALA A 42 -12.38 30.42 4.87
CA ALA A 42 -11.13 30.14 4.15
C ALA A 42 -10.55 31.39 3.55
N ILE A 43 -9.23 31.44 3.46
CA ILE A 43 -8.53 32.51 2.74
C ILE A 43 -7.57 31.93 1.71
N ASN A 44 -7.22 32.74 0.74
CA ASN A 44 -6.42 32.28 -0.38
C ASN A 44 -5.16 31.59 0.13
N GLY A 45 -4.73 30.55 -0.60
CA GLY A 45 -3.55 29.81 -0.19
C GLY A 45 -2.58 29.67 -1.34
N CYS A 46 -1.57 28.78 -1.22
CA CYS A 46 -0.58 28.65 -2.26
C CYS A 46 0.13 27.33 -2.06
N ILE A 47 0.50 26.74 -3.17
CA ILE A 47 1.45 25.63 -3.21
C ILE A 47 2.83 26.21 -3.40
N PHE A 48 3.84 25.76 -2.61
CA PHE A 48 5.21 26.28 -2.63
C PHE A 48 6.04 25.15 -3.22
N THR A 49 6.40 25.31 -4.49
CA THR A 49 7.18 24.34 -5.26
C THR A 49 8.48 25.02 -5.69
N LEU A 50 9.60 24.47 -5.22
CA LEU A 50 10.88 25.17 -5.31
C LEU A 50 11.98 24.31 -5.91
N ASN A 51 12.74 24.86 -6.89
CA ASN A 51 13.93 24.14 -7.35
C ASN A 51 15.08 24.64 -6.51
N PRO A 52 15.65 23.80 -5.58
CA PRO A 52 16.62 24.34 -4.62
C PRO A 52 17.93 24.66 -5.25
N LYS A 53 18.24 24.07 -6.44
CA LYS A 53 19.46 24.39 -7.18
C LYS A 53 19.41 25.75 -7.89
N THR A 54 18.29 26.07 -8.51
CA THR A 54 18.19 27.27 -9.31
C THR A 54 17.54 28.40 -8.56
N GLY A 55 16.73 28.06 -7.59
CA GLY A 55 15.91 29.01 -6.89
C GLY A 55 14.59 29.32 -7.53
N HIS A 56 14.26 28.76 -8.67
CA HIS A 56 12.97 28.96 -9.33
C HIS A 56 11.90 28.44 -8.40
N LEU A 57 10.97 29.30 -8.12
CA LEU A 57 9.79 29.06 -7.29
C LEU A 57 8.57 29.12 -8.21
N PHE A 58 7.76 28.06 -8.23
CA PHE A 58 6.49 27.98 -8.92
C PHE A 58 5.40 28.18 -7.88
N LEU A 59 4.93 29.41 -7.71
CA LEU A 59 3.88 29.66 -6.69
C LEU A 59 2.51 29.50 -7.32
N LYS A 60 1.81 28.43 -6.97
CA LYS A 60 0.46 28.21 -7.46
C LYS A 60 -0.52 28.71 -6.44
N ILE A 61 -1.28 29.69 -6.82
CA ILE A 61 -2.14 30.39 -5.89
C ILE A 61 -3.47 29.65 -5.87
N ILE A 62 -3.92 29.34 -4.66
CA ILE A 62 -5.14 28.57 -4.44
C ILE A 62 -6.21 29.55 -3.97
N HIS A 63 -7.15 29.85 -4.87
CA HIS A 63 -8.22 30.78 -4.62
C HIS A 63 -9.31 30.05 -3.82
N THR A 64 -9.92 30.75 -2.87
CA THR A 64 -10.92 30.15 -1.98
C THR A 64 -12.06 29.52 -2.73
N SER A 65 -12.35 29.98 -3.95
CA SER A 65 -13.45 29.43 -4.72
C SER A 65 -13.27 27.93 -4.94
N VAL A 66 -12.04 27.42 -4.91
N VAL A 66 -12.04 27.45 -4.92
CA VAL A 66 -11.88 25.98 -5.08
CA VAL A 66 -11.78 26.01 -5.03
C VAL A 66 -12.39 25.13 -3.91
C VAL A 66 -12.57 25.20 -4.00
N TRP A 67 -12.70 25.70 -2.78
CA TRP A 67 -13.27 24.99 -1.65
C TRP A 67 -14.80 25.03 -1.67
N ALA A 68 -15.40 25.86 -2.54
CA ALA A 68 -16.88 26.05 -2.44
C ALA A 68 -17.60 24.73 -2.62
N GLY A 69 -18.38 24.35 -1.62
CA GLY A 69 -19.24 23.17 -1.72
C GLY A 69 -18.54 21.82 -1.53
N GLN A 70 -17.27 21.83 -1.19
CA GLN A 70 -16.51 20.62 -0.97
C GLN A 70 -16.46 20.24 0.52
N LYS A 71 -16.36 18.94 0.80
CA LYS A 71 -16.25 18.48 2.17
C LYS A 71 -14.80 18.02 2.43
N ARG A 72 -14.44 17.84 3.71
CA ARG A 72 -13.14 17.27 4.12
C ARG A 72 -11.98 18.01 3.44
N LEU A 73 -11.96 19.31 3.66
CA LEU A 73 -11.08 20.19 2.91
C LEU A 73 -9.60 19.93 3.19
N SER A 74 -9.26 19.54 4.42
CA SER A 74 -7.85 19.28 4.68
C SER A 74 -7.38 18.13 3.80
N GLN A 75 -8.17 17.06 3.71
CA GLN A 75 -7.84 15.94 2.81
C GLN A 75 -7.85 16.36 1.34
N LEU A 76 -8.81 17.19 0.95
CA LEU A 76 -8.90 17.58 -0.44
C LEU A 76 -7.72 18.47 -0.80
N ALA A 77 -7.26 19.31 0.14
CA ALA A 77 -6.08 20.15 -0.10
C ALA A 77 -4.84 19.36 -0.54
N LYS A 78 -4.65 18.15 0.03
CA LYS A 78 -3.52 17.33 -0.39
C LYS A 78 -3.67 16.84 -1.81
N TRP A 79 -4.85 16.36 -2.20
CA TRP A 79 -5.08 15.97 -3.60
C TRP A 79 -5.07 17.16 -4.56
N LYS A 80 -5.57 18.30 -4.14
CA LYS A 80 -5.48 19.46 -5.01
C LYS A 80 -4.05 19.86 -5.28
N THR A 81 -3.22 19.82 -4.21
CA THR A 81 -1.78 20.08 -4.36
C THR A 81 -1.19 19.15 -5.43
N ALA A 82 -1.41 17.80 -5.24
CA ALA A 82 -0.89 16.81 -6.15
C ALA A 82 -1.40 17.08 -7.56
N GLU A 83 -2.69 17.40 -7.72
CA GLU A 83 -3.20 17.64 -9.07
C GLU A 83 -2.42 18.79 -9.76
N GLU A 84 -2.20 19.86 -8.97
CA GLU A 84 -1.58 21.10 -9.46
C GLU A 84 -0.11 20.82 -9.76
N VAL A 85 0.57 20.07 -8.90
CA VAL A 85 2.00 19.72 -9.16
C VAL A 85 2.09 18.91 -10.40
N SER A 86 1.20 17.95 -10.59
N SER A 86 1.17 17.97 -10.58
CA SER A 86 1.29 17.09 -11.75
CA SER A 86 1.22 17.10 -11.73
C SER A 86 0.96 17.87 -13.02
C SER A 86 0.96 17.88 -12.99
N ALA A 87 0.00 18.81 -12.97
CA ALA A 87 -0.24 19.66 -14.14
C ALA A 87 0.97 20.54 -14.50
N LEU A 88 1.70 20.98 -13.47
CA LEU A 88 2.95 21.74 -13.64
C LEU A 88 3.99 20.92 -14.37
N VAL A 89 4.25 19.69 -13.88
CA VAL A 89 5.23 18.83 -14.56
C VAL A 89 4.81 18.65 -16.01
N ARG A 90 3.51 18.36 -16.22
CA ARG A 90 3.07 18.07 -17.59
C ARG A 90 3.27 19.28 -18.48
N SER A 91 3.16 20.48 -17.90
CA SER A 91 3.34 21.70 -18.71
C SER A 91 4.80 21.95 -19.08
N LEU A 92 5.71 21.26 -18.46
CA LEU A 92 7.11 21.59 -18.64
C LEU A 92 7.70 20.76 -19.78
N PRO A 93 8.67 21.29 -20.55
CA PRO A 93 9.29 20.42 -21.54
C PRO A 93 9.98 19.27 -20.83
N LYS A 94 10.11 18.16 -21.55
CA LYS A 94 10.64 16.93 -20.97
C LYS A 94 11.98 17.15 -20.31
N GLU A 95 12.90 17.87 -20.96
CA GLU A 95 14.20 18.09 -20.35
C GLU A 95 14.11 19.06 -19.17
N GLU A 96 12.99 19.71 -18.93
CA GLU A 96 12.85 20.50 -17.71
C GLU A 96 12.10 19.77 -16.59
N GLN A 97 11.48 18.63 -16.86
CA GLN A 97 10.78 17.92 -15.80
C GLN A 97 11.73 17.38 -14.73
N PRO A 98 11.28 17.37 -13.48
CA PRO A 98 12.15 16.90 -12.40
C PRO A 98 12.34 15.41 -12.49
N LYS A 99 13.45 14.97 -11.93
N LYS A 99 13.45 14.96 -11.94
CA LYS A 99 13.69 13.54 -11.74
CA LYS A 99 13.67 13.54 -11.74
C LYS A 99 13.24 13.07 -10.36
C LYS A 99 13.22 13.07 -10.36
N GLN A 100 13.17 13.97 -9.40
CA GLN A 100 12.61 13.70 -8.08
C GLN A 100 11.76 14.87 -7.64
N ILE A 101 10.69 14.58 -6.90
CA ILE A 101 9.93 15.57 -6.14
C ILE A 101 9.94 15.18 -4.68
N ILE A 102 10.39 16.08 -3.84
CA ILE A 102 10.52 15.83 -2.41
C ILE A 102 9.41 16.59 -1.70
N VAL A 103 8.51 15.92 -1.02
CA VAL A 103 7.41 16.55 -0.29
C VAL A 103 7.81 16.80 1.14
N THR A 104 7.41 17.98 1.65
CA THR A 104 7.85 18.32 2.99
C THR A 104 7.01 17.66 4.07
N ARG A 105 5.83 17.09 3.72
CA ARG A 105 5.05 16.33 4.69
C ARG A 105 4.64 14.97 4.11
N LYS A 106 4.71 13.90 4.93
CA LYS A 106 4.50 12.55 4.41
C LYS A 106 3.08 12.31 3.88
N ALA A 107 2.07 13.04 4.34
CA ALA A 107 0.72 12.83 3.85
C ALA A 107 0.61 13.18 2.37
N MET A 108 1.58 13.89 1.81
CA MET A 108 1.53 14.17 0.37
C MET A 108 2.03 13.02 -0.47
N LEU A 109 2.61 12.01 0.11
CA LEU A 109 3.25 11.04 -0.76
C LEU A 109 2.25 10.32 -1.64
N ASP A 110 1.19 9.76 -0.99
CA ASP A 110 0.20 8.95 -1.70
C ASP A 110 -0.62 9.83 -2.66
N PRO A 111 -1.04 11.01 -2.27
CA PRO A 111 -1.75 11.81 -3.30
C PRO A 111 -0.87 12.11 -4.51
N LEU A 112 0.38 12.50 -4.28
CA LEU A 112 1.24 12.83 -5.40
C LEU A 112 1.58 11.58 -6.23
N GLU A 113 1.95 10.45 -5.54
CA GLU A 113 2.25 9.22 -6.27
C GLU A 113 1.10 8.84 -7.24
N VAL A 114 -0.17 8.88 -6.76
CA VAL A 114 -1.33 8.57 -7.61
C VAL A 114 -1.47 9.55 -8.78
N HIS A 115 -1.35 10.84 -8.52
CA HIS A 115 -1.42 11.78 -9.63
C HIS A 115 -0.27 11.62 -10.63
N MET A 116 0.85 11.02 -10.21
CA MET A 116 2.03 10.96 -11.09
C MET A 116 2.27 9.55 -11.65
N LEU A 117 1.22 8.72 -11.67
CA LEU A 117 1.40 7.37 -12.18
C LEU A 117 1.95 7.39 -13.60
N ASP A 118 1.58 8.40 -14.38
CA ASP A 118 2.04 8.57 -15.74
C ASP A 118 3.54 8.83 -15.84
N PHE A 119 4.22 9.15 -14.73
CA PHE A 119 5.62 9.51 -14.72
C PHE A 119 6.37 8.53 -13.82
N PRO A 120 6.40 7.23 -14.20
CA PRO A 120 7.02 6.22 -13.31
C PRO A 120 8.48 6.50 -13.02
N ASN A 121 9.16 7.27 -13.86
CA ASN A 121 10.58 7.59 -13.69
C ASN A 121 10.83 8.84 -12.87
N ILE A 122 9.80 9.43 -12.28
CA ILE A 122 9.96 10.53 -11.34
C ILE A 122 9.77 9.98 -9.93
N ALA A 123 10.87 9.99 -9.15
CA ALA A 123 10.81 9.51 -7.77
C ALA A 123 10.16 10.51 -6.82
N ILE A 124 9.16 10.04 -6.05
CA ILE A 124 8.48 10.86 -5.03
C ILE A 124 9.07 10.47 -3.69
N ARG A 125 9.61 11.48 -2.99
CA ARG A 125 10.37 11.20 -1.79
C ARG A 125 9.89 12.06 -0.62
N PRO A 126 9.91 11.48 0.60
CA PRO A 126 9.75 12.31 1.80
C PRO A 126 11.04 12.84 2.37
N THR A 127 10.97 13.62 3.43
CA THR A 127 12.16 14.10 4.08
C THR A 127 11.99 14.10 5.59
N GLU A 128 13.12 13.88 6.28
N GLU A 128 13.10 13.90 6.30
CA GLU A 128 13.21 13.98 7.73
CA GLU A 128 13.09 14.02 7.75
C GLU A 128 13.51 15.41 8.20
C GLU A 128 13.50 15.41 8.20
N LEU A 129 13.90 16.29 7.29
CA LEU A 129 14.19 17.66 7.67
C LEU A 129 12.93 18.40 8.08
N ARG A 130 13.11 19.38 8.98
CA ARG A 130 12.03 20.22 9.50
C ARG A 130 12.01 21.59 8.79
N LEU A 131 11.92 21.54 7.47
CA LEU A 131 12.20 22.70 6.66
C LEU A 131 11.18 23.80 6.94
N PRO A 132 11.58 25.07 6.92
CA PRO A 132 10.67 26.14 7.32
C PRO A 132 9.83 26.75 6.20
N PHE A 133 9.43 25.96 5.18
CA PHE A 133 8.82 26.60 4.02
C PHE A 133 7.44 27.19 4.33
N SER A 134 6.84 26.77 5.46
CA SER A 134 5.54 27.33 5.86
C SER A 134 5.65 28.83 6.03
N ALA A 135 6.86 29.33 6.31
CA ALA A 135 7.04 30.75 6.60
C ALA A 135 7.10 31.60 5.35
N ALA A 136 6.93 30.98 4.18
CA ALA A 136 6.97 31.70 2.92
C ALA A 136 5.93 32.81 2.85
N MET A 137 4.78 32.65 3.51
CA MET A 137 3.78 33.70 3.52
C MET A 137 4.19 34.86 4.42
N SER A 138 5.35 34.76 5.08
CA SER A 138 5.93 35.91 5.76
C SER A 138 6.77 36.79 4.84
N ILE A 139 6.97 36.39 3.59
CA ILE A 139 7.66 37.21 2.61
C ILE A 139 6.62 38.09 1.97
N ASP A 140 6.78 39.41 2.13
CA ASP A 140 5.70 40.34 1.85
C ASP A 140 5.20 40.22 0.43
N LYS A 141 6.11 40.14 -0.52
CA LYS A 141 5.66 40.11 -1.92
C LYS A 141 4.91 38.82 -2.25
N LEU A 142 5.29 37.71 -1.60
CA LEU A 142 4.60 36.45 -1.88
C LEU A 142 3.19 36.48 -1.25
N SER A 143 3.13 36.92 0.00
CA SER A 143 1.87 37.12 0.68
C SER A 143 0.97 38.05 -0.10
N ASP A 144 1.51 39.13 -0.65
CA ASP A 144 0.68 40.10 -1.38
C ASP A 144 0.03 39.48 -2.59
N VAL A 145 0.80 38.74 -3.38
CA VAL A 145 0.20 38.24 -4.62
C VAL A 145 -0.86 37.19 -4.33
N VAL A 146 -0.68 36.45 -3.22
CA VAL A 146 -1.66 35.45 -2.80
C VAL A 146 -2.96 36.13 -2.34
N MET A 147 -2.83 37.16 -1.48
N MET A 147 -2.85 37.15 -1.48
N MET A 147 -2.88 37.19 -1.54
CA MET A 147 -4.00 37.83 -0.90
CA MET A 147 -4.04 37.79 -0.93
CA MET A 147 -4.09 37.77 -0.96
C MET A 147 -4.79 38.59 -1.97
C MET A 147 -4.80 38.59 -1.98
C MET A 147 -4.83 38.60 -2.00
N LYS A 148 -4.10 39.15 -2.96
CA LYS A 148 -4.76 39.94 -4.03
C LYS A 148 -5.40 39.06 -5.13
N ALA A 149 -5.03 37.80 -5.24
CA ALA A 149 -5.56 37.00 -6.34
C ALA A 149 -7.07 36.89 -6.30
N THR A 150 -7.66 37.02 -7.48
CA THR A 150 -9.10 36.87 -7.65
C THR A 150 -9.49 35.60 -8.38
N GLU A 151 -8.52 34.79 -8.76
CA GLU A 151 -8.78 33.62 -9.58
C GLU A 151 -7.59 32.73 -9.46
N PRO A 152 -7.70 31.46 -9.77
CA PRO A 152 -6.50 30.59 -9.76
C PRO A 152 -5.39 31.18 -10.64
N GLN A 153 -4.13 31.17 -10.17
CA GLN A 153 -3.07 31.81 -10.92
C GLN A 153 -1.74 31.22 -10.52
N MET A 154 -0.81 31.13 -11.46
CA MET A 154 0.55 30.69 -11.15
C MET A 154 1.50 31.87 -11.34
N VAL A 155 2.37 32.10 -10.34
CA VAL A 155 3.32 33.21 -10.44
C VAL A 155 4.72 32.64 -10.25
N LEU A 156 5.67 33.08 -11.10
CA LEU A 156 7.04 32.57 -11.05
C LEU A 156 7.99 33.56 -10.37
N PHE A 157 8.78 33.07 -9.39
CA PHE A 157 9.75 33.89 -8.70
C PHE A 157 11.09 33.20 -8.72
N ASN A 158 12.11 33.94 -8.40
CA ASN A 158 13.40 33.36 -8.01
C ASN A 158 13.59 33.75 -6.56
N ILE A 159 13.49 32.75 -5.67
CA ILE A 159 13.52 33.02 -4.25
C ILE A 159 14.91 33.35 -3.76
N TYR A 160 15.94 33.19 -4.58
CA TYR A 160 17.29 33.64 -4.27
C TYR A 160 17.64 35.04 -4.82
N ASP A 161 16.73 35.77 -5.44
CA ASP A 161 17.08 37.09 -6.06
C ASP A 161 18.27 36.81 -6.98
N ASP A 162 19.39 37.59 -6.87
CA ASP A 162 20.57 37.42 -7.70
C ASP A 162 21.69 36.74 -6.94
N TRP A 163 21.40 36.09 -5.82
CA TRP A 163 22.50 35.62 -4.97
C TRP A 163 23.45 34.70 -5.74
N LEU A 164 22.92 33.91 -6.65
CA LEU A 164 23.72 32.87 -7.28
C LEU A 164 24.85 33.47 -8.10
N ASP A 165 24.73 34.76 -8.45
CA ASP A 165 25.82 35.46 -9.12
C ASP A 165 27.07 35.52 -8.26
N ARG A 166 26.92 35.30 -6.96
CA ARG A 166 28.03 35.50 -6.05
C ARG A 166 28.27 34.30 -5.15
N ILE A 167 27.23 33.47 -4.88
CA ILE A 167 27.36 32.37 -3.94
C ILE A 167 26.84 31.10 -4.59
N SER A 168 27.22 29.96 -4.00
CA SER A 168 26.77 28.66 -4.49
C SER A 168 25.33 28.38 -4.06
N SER A 169 24.71 27.42 -4.76
N SER A 169 24.68 27.42 -4.74
CA SER A 169 23.35 26.99 -4.39
CA SER A 169 23.32 27.08 -4.33
C SER A 169 23.32 26.47 -2.96
C SER A 169 23.27 26.42 -2.96
N TYR A 170 24.32 25.69 -2.57
CA TYR A 170 24.37 25.24 -1.18
C TYR A 170 24.27 26.45 -0.27
N THR A 171 25.06 27.50 -0.54
CA THR A 171 25.08 28.62 0.41
C THR A 171 23.78 29.42 0.33
N ALA A 172 23.21 29.48 -0.86
CA ALA A 172 21.95 30.19 -1.08
C ALA A 172 20.81 29.50 -0.34
N PHE A 173 20.71 28.17 -0.48
CA PHE A 173 19.68 27.45 0.24
C PHE A 173 19.87 27.56 1.74
N SER A 174 21.13 27.54 2.22
CA SER A 174 21.36 27.73 3.67
C SER A 174 20.93 29.13 4.13
N ARG A 175 21.17 30.12 3.32
CA ARG A 175 20.71 31.46 3.69
C ARG A 175 19.18 31.49 3.72
N LEU A 176 18.58 30.91 2.70
CA LEU A 176 17.13 30.94 2.56
C LEU A 176 16.49 30.26 3.75
N THR A 177 17.00 29.09 4.16
CA THR A 177 16.38 28.38 5.27
C THR A 177 16.63 29.11 6.58
N LEU A 178 17.78 29.78 6.71
CA LEU A 178 18.00 30.55 7.93
C LEU A 178 17.01 31.69 8.04
N LEU A 179 16.84 32.46 6.96
CA LEU A 179 15.84 33.51 6.91
C LEU A 179 14.44 32.99 7.23
N LEU A 180 14.03 31.88 6.64
CA LEU A 180 12.67 31.41 6.89
C LEU A 180 12.49 30.85 8.30
N ARG A 181 13.47 30.08 8.78
CA ARG A 181 13.43 29.66 10.17
C ARG A 181 13.28 30.86 11.09
N ALA A 182 14.06 31.91 10.88
CA ALA A 182 13.90 33.10 11.71
C ALA A 182 12.49 33.66 11.61
N LEU A 183 11.98 33.86 10.40
CA LEU A 183 10.64 34.38 10.25
C LEU A 183 9.62 33.46 10.90
N LYS A 184 9.88 32.16 10.90
CA LYS A 184 8.91 31.25 11.52
C LYS A 184 8.91 31.34 13.05
N THR A 185 10.08 31.58 13.66
N THR A 185 10.07 31.59 13.65
CA THR A 185 10.16 31.54 15.12
CA THR A 185 10.22 31.56 15.10
C THR A 185 9.74 32.85 15.72
C THR A 185 9.81 32.85 15.75
N ASN A 186 10.06 33.97 15.08
CA ASN A 186 9.70 35.28 15.63
C ASN A 186 9.59 36.24 14.45
N GLU A 187 8.42 36.27 13.80
CA GLU A 187 8.28 37.03 12.57
C GLU A 187 8.60 38.50 12.78
N GLU A 188 8.17 39.10 13.88
CA GLU A 188 8.39 40.54 14.04
C GLU A 188 9.86 40.87 14.12
N SER A 189 10.58 40.20 15.01
CA SER A 189 12.02 40.40 15.10
C SER A 189 12.70 40.14 13.76
N ALA A 190 12.42 38.99 13.15
CA ALA A 190 13.07 38.71 11.88
C ALA A 190 12.86 39.86 10.88
N LYS A 191 11.63 40.40 10.80
CA LYS A 191 11.38 41.44 9.82
C LYS A 191 12.06 42.73 10.22
N MET A 192 12.10 43.03 11.53
CA MET A 192 12.85 44.19 11.98
CA MET A 192 12.86 44.18 12.00
C MET A 192 14.31 44.09 11.54
N ILE A 193 14.92 42.90 11.69
CA ILE A 193 16.32 42.74 11.33
C ILE A 193 16.56 43.09 9.88
N LEU A 194 15.61 42.72 9.01
CA LEU A 194 15.84 42.76 7.57
C LEU A 194 15.66 44.16 7.00
N LEU A 195 14.87 45.00 7.66
CA LEU A 195 14.51 46.31 7.14
C LEU A 195 14.96 47.44 8.03
N SER A 196 15.68 47.15 9.13
CA SER A 196 16.06 48.20 10.07
C SER A 196 16.66 49.39 9.34
N ASP A 197 17.70 49.16 8.57
CA ASP A 197 18.39 50.23 7.85
C ASP A 197 17.59 50.63 6.62
N PRO A 198 17.04 51.84 6.59
CA PRO A 198 16.25 52.25 5.42
C PRO A 198 17.07 52.48 4.16
N THR A 199 18.40 52.49 4.24
CA THR A 199 19.21 52.70 3.05
C THR A 199 19.45 51.40 2.29
N ILE A 200 19.00 50.27 2.80
CA ILE A 200 19.06 48.99 2.08
C ILE A 200 17.66 48.65 1.62
N THR A 201 17.49 48.57 0.32
CA THR A 201 16.18 48.48 -0.31
C THR A 201 16.04 47.13 -0.98
N ILE A 202 14.79 46.85 -1.39
CA ILE A 202 14.42 45.65 -2.15
C ILE A 202 14.13 46.08 -3.57
N LYS A 203 14.91 45.57 -4.53
CA LYS A 203 14.64 45.92 -5.91
C LYS A 203 13.23 45.47 -6.26
N SER A 204 12.64 46.17 -7.23
CA SER A 204 11.28 45.83 -7.66
C SER A 204 11.17 44.38 -8.11
N TYR A 205 12.23 43.82 -8.71
CA TYR A 205 12.23 42.46 -9.22
C TYR A 205 12.81 41.45 -8.22
N HIS A 206 12.92 41.82 -6.95
CA HIS A 206 13.48 40.95 -5.90
C HIS A 206 12.52 40.81 -4.73
N LEU A 207 12.78 39.80 -3.89
CA LEU A 207 12.02 39.55 -2.68
C LEU A 207 12.75 40.03 -1.44
N TRP A 208 14.07 40.05 -1.44
CA TRP A 208 14.82 40.46 -0.29
C TRP A 208 15.72 41.66 -0.54
N PRO A 209 16.14 42.33 0.52
CA PRO A 209 16.98 43.52 0.36
C PRO A 209 18.29 43.27 -0.37
N SER A 210 18.87 44.38 -0.87
CA SER A 210 20.08 44.31 -1.69
C SER A 210 21.31 44.45 -0.79
N PHE A 211 21.49 43.45 0.04
CA PHE A 211 22.61 43.47 0.98
C PHE A 211 23.92 43.23 0.26
N THR A 212 24.98 43.89 0.73
CA THR A 212 26.31 43.50 0.31
C THR A 212 26.69 42.16 0.95
N ASP A 213 27.85 41.62 0.52
CA ASP A 213 28.37 40.42 1.15
C ASP A 213 28.54 40.65 2.65
N GLU A 214 29.18 41.76 3.01
CA GLU A 214 29.45 42.03 4.41
C GLU A 214 28.16 42.22 5.19
N GLN A 215 27.16 42.86 4.56
CA GLN A 215 25.88 43.06 5.25
C GLN A 215 25.12 41.75 5.42
N TRP A 216 25.32 40.79 4.51
CA TRP A 216 24.65 39.50 4.67
C TRP A 216 25.23 38.71 5.84
N ILE A 217 26.52 38.83 6.08
CA ILE A 217 27.12 38.13 7.21
C ILE A 217 26.55 38.65 8.52
N THR A 218 26.40 39.95 8.63
CA THR A 218 25.80 40.53 9.82
C THR A 218 24.36 40.07 9.95
N ILE A 219 23.58 40.21 8.88
CA ILE A 219 22.19 39.78 8.87
C ILE A 219 22.11 38.33 9.32
N GLU A 220 22.91 37.47 8.70
CA GLU A 220 22.87 36.05 9.03
C GLU A 220 23.22 35.80 10.49
N SER A 221 24.17 36.57 11.04
N SER A 221 24.17 36.56 11.04
CA SER A 221 24.50 36.42 12.45
CA SER A 221 24.49 36.41 12.46
C SER A 221 23.34 36.87 13.34
C SER A 221 23.32 36.85 13.34
N GLN A 222 22.64 37.93 12.96
CA GLN A 222 21.49 38.39 13.72
C GLN A 222 20.33 37.38 13.67
N MET A 223 20.12 36.71 12.53
CA MET A 223 19.09 35.69 12.44
C MET A 223 19.42 34.47 13.31
N ARG A 224 20.69 34.05 13.33
N ARG A 224 20.70 34.08 13.38
CA ARG A 224 21.12 32.99 14.23
CA ARG A 224 21.09 32.96 14.24
C ARG A 224 20.85 33.34 15.68
C ARG A 224 20.90 33.31 15.71
N ASP A 225 21.40 34.47 16.12
CA ASP A 225 21.12 34.98 17.46
CA ASP A 225 21.12 35.01 17.44
C ASP A 225 19.62 34.92 17.77
N LEU A 226 18.80 35.49 16.88
CA LEU A 226 17.36 35.45 17.09
C LEU A 226 16.91 34.05 17.37
N ILE A 227 17.40 33.10 16.58
CA ILE A 227 16.86 31.75 16.59
C ILE A 227 17.31 31.01 17.85
N LEU A 228 18.58 31.16 18.25
CA LEU A 228 19.06 30.61 19.52
C LEU A 228 18.27 31.15 20.71
N THR A 229 18.09 32.47 20.78
CA THR A 229 17.32 33.05 21.87
C THR A 229 15.91 32.47 21.93
N GLU A 230 15.11 32.67 20.88
CA GLU A 230 13.72 32.22 20.91
C GLU A 230 13.62 30.80 21.39
N TYR A 231 14.69 30.03 21.20
CA TYR A 231 14.82 28.68 21.72
C TYR A 231 15.10 28.68 23.22
N GLY A 232 15.80 29.69 23.73
CA GLY A 232 15.90 29.88 25.17
C GLY A 232 14.60 30.39 25.75
N ARG A 233 14.16 31.56 25.28
CA ARG A 233 12.88 32.13 25.66
C ARG A 233 11.76 31.10 25.72
N LYS A 234 11.87 30.06 24.90
CA LYS A 234 10.82 29.04 24.82
C LYS A 234 11.07 27.88 25.78
N TYR A 235 12.33 27.50 25.98
CA TYR A 235 12.69 26.44 26.92
C TYR A 235 13.33 26.98 28.20
N ASN A 236 13.43 28.30 28.35
CA ASN A 236 14.08 28.92 29.50
C ASN A 236 15.45 28.30 29.76
N VAL A 237 16.45 28.73 28.99
CA VAL A 237 17.82 28.23 29.13
C VAL A 237 18.82 29.36 28.91
N MET B 5 -18.08 -41.60 -2.02
CA MET B 5 -16.76 -41.44 -1.32
C MET B 5 -15.58 -41.91 -2.18
N ASN B 6 -14.43 -41.24 -2.09
CA ASN B 6 -13.29 -41.60 -2.92
C ASN B 6 -12.03 -41.87 -2.09
N THR B 7 -10.99 -42.31 -2.78
CA THR B 7 -9.80 -42.86 -2.15
C THR B 7 -8.57 -42.32 -2.87
N VAL B 8 -7.53 -41.95 -2.06
CA VAL B 8 -6.18 -41.58 -2.54
C VAL B 8 -5.24 -42.67 -2.00
N PRO B 9 -4.94 -43.74 -2.74
CA PRO B 9 -4.06 -44.78 -2.24
C PRO B 9 -2.61 -44.28 -2.34
N PHE B 10 -1.71 -44.86 -1.56
CA PHE B 10 -0.25 -44.55 -1.50
C PHE B 10 0.54 -45.80 -1.87
N THR B 11 1.57 -45.80 -2.72
CA THR B 11 2.33 -47.04 -3.02
C THR B 11 3.05 -47.51 -1.75
N SER B 12 3.49 -46.63 -0.82
CA SER B 12 4.18 -46.93 0.47
C SER B 12 4.37 -45.62 1.27
N ALA B 13 5.09 -45.63 2.41
CA ALA B 13 5.47 -44.46 3.16
C ALA B 13 6.89 -44.64 3.63
N PRO B 14 7.86 -44.42 2.74
CA PRO B 14 9.25 -44.76 3.10
C PRO B 14 9.90 -43.78 4.01
N ILE B 15 9.40 -42.56 4.13
CA ILE B 15 10.01 -41.59 5.03
C ILE B 15 8.96 -41.09 6.02
N GLU B 16 9.41 -40.84 7.25
CA GLU B 16 8.55 -40.26 8.28
C GLU B 16 8.04 -38.88 7.84
N VAL B 17 6.73 -38.66 7.99
CA VAL B 17 6.09 -37.47 7.42
C VAL B 17 4.79 -37.21 8.16
N THR B 18 4.45 -35.91 8.32
CA THR B 18 3.10 -35.56 8.72
C THR B 18 2.28 -35.32 7.46
N ILE B 19 1.21 -36.08 7.32
CA ILE B 19 0.30 -35.99 6.18
C ILE B 19 -0.88 -35.18 6.65
N GLY B 20 -1.28 -34.21 5.85
CA GLY B 20 -2.49 -33.43 6.06
C GLY B 20 -3.50 -33.75 4.91
N ILE B 21 -4.75 -33.81 5.26
CA ILE B 21 -5.78 -33.86 4.25
C ILE B 21 -6.78 -32.80 4.67
N ASP B 22 -7.01 -31.84 3.79
CA ASP B 22 -7.84 -30.72 4.22
C ASP B 22 -7.34 -30.30 5.59
N GLN B 23 -8.30 -30.02 6.48
CA GLN B 23 -7.91 -29.43 7.76
C GLN B 23 -7.44 -30.47 8.81
N TYR B 24 -7.23 -31.74 8.40
CA TYR B 24 -6.85 -32.85 9.25
C TYR B 24 -5.39 -33.23 8.96
N SER B 25 -4.80 -33.98 9.88
CA SER B 25 -3.40 -34.36 9.71
C SER B 25 -3.07 -35.43 10.74
N PHE B 26 -2.12 -36.28 10.36
CA PHE B 26 -1.72 -37.43 11.17
C PHE B 26 -0.26 -37.75 10.84
N ASN B 27 0.43 -38.37 11.80
CA ASN B 27 1.85 -38.65 11.69
C ASN B 27 1.97 -40.07 11.18
N VAL B 28 2.86 -40.27 10.21
CA VAL B 28 3.21 -41.60 9.67
C VAL B 28 4.70 -41.83 9.91
N LYS B 29 5.04 -43.01 10.41
CA LYS B 29 6.43 -43.29 10.75
C LYS B 29 7.23 -43.85 9.54
N GLU B 30 8.54 -43.77 9.63
CA GLU B 30 9.34 -44.29 8.52
C GLU B 30 8.99 -45.77 8.25
N ASN B 31 8.63 -46.06 7.00
CA ASN B 31 8.26 -47.42 6.56
C ASN B 31 7.10 -48.01 7.37
N GLN B 32 6.20 -47.18 7.86
CA GLN B 32 4.99 -47.70 8.52
C GLN B 32 4.05 -48.24 7.45
N PRO B 33 3.33 -49.34 7.73
CA PRO B 33 2.38 -49.88 6.74
C PRO B 33 1.17 -48.99 6.57
N PHE B 34 1.31 -48.01 5.68
CA PHE B 34 0.29 -47.01 5.42
C PHE B 34 0.01 -47.00 3.93
N HIS B 35 -1.25 -47.21 3.53
CA HIS B 35 -1.57 -47.24 2.09
C HIS B 35 -2.62 -46.20 1.67
N GLY B 36 -2.89 -45.17 2.47
CA GLY B 36 -3.59 -44.02 1.92
C GLY B 36 -4.80 -43.56 2.75
N ILE B 37 -5.67 -42.81 2.09
CA ILE B 37 -6.81 -42.13 2.71
C ILE B 37 -8.08 -42.49 1.96
N LYS B 38 -9.06 -43.01 2.70
CA LYS B 38 -10.32 -43.41 2.14
C LYS B 38 -11.45 -42.52 2.68
N ASP B 39 -12.61 -42.69 2.05
CA ASP B 39 -13.82 -42.05 2.52
C ASP B 39 -13.76 -40.56 2.26
N ILE B 40 -13.05 -40.10 1.25
CA ILE B 40 -12.90 -38.66 1.00
C ILE B 40 -14.17 -38.12 0.34
N PRO B 41 -14.79 -37.04 0.85
CA PRO B 41 -16.08 -36.60 0.29
C PRO B 41 -15.94 -36.15 -1.14
N ILE B 42 -16.78 -36.72 -1.99
CA ILE B 42 -16.95 -36.22 -3.35
C ILE B 42 -17.69 -34.90 -3.32
N GLY B 43 -17.34 -34.01 -4.24
CA GLY B 43 -18.06 -32.76 -4.44
C GLY B 43 -17.29 -31.53 -4.05
N HIS B 44 -16.13 -31.69 -3.46
CA HIS B 44 -15.34 -30.58 -3.01
C HIS B 44 -13.98 -30.78 -3.65
N VAL B 45 -13.21 -29.69 -3.71
N VAL B 45 -13.25 -29.68 -3.79
CA VAL B 45 -11.77 -29.79 -3.96
CA VAL B 45 -11.78 -29.85 -3.98
C VAL B 45 -11.08 -30.14 -2.65
C VAL B 45 -11.20 -30.36 -2.66
N HIS B 46 -9.96 -30.85 -2.73
CA HIS B 46 -9.27 -31.33 -1.55
C HIS B 46 -7.81 -30.99 -1.72
N VAL B 47 -7.07 -30.99 -0.64
CA VAL B 47 -5.63 -30.83 -0.70
C VAL B 47 -5.02 -31.83 0.25
N ILE B 48 -4.00 -32.51 -0.25
N ILE B 48 -4.05 -32.60 -0.26
CA ILE B 48 -3.18 -33.43 0.51
CA ILE B 48 -3.19 -33.46 0.54
C ILE B 48 -1.75 -32.91 0.55
C ILE B 48 -1.82 -32.78 0.59
N HIS B 49 -1.20 -32.78 1.76
CA HIS B 49 0.01 -31.99 1.97
C HIS B 49 0.92 -32.70 2.95
N PHE B 50 2.19 -32.27 3.00
CA PHE B 50 3.23 -33.12 3.56
C PHE B 50 4.25 -32.22 4.27
N GLN B 51 4.65 -32.65 5.46
CA GLN B 51 5.78 -32.05 6.14
C GLN B 51 6.69 -33.17 6.66
N HIS B 52 7.88 -33.27 6.07
CA HIS B 52 8.80 -34.35 6.43
C HIS B 52 9.29 -34.19 7.84
N ALA B 53 9.46 -35.32 8.51
CA ALA B 53 9.93 -35.32 9.88
C ALA B 53 11.31 -34.71 9.99
N ASP B 54 12.17 -34.95 9.01
CA ASP B 54 13.52 -34.41 9.09
C ASP B 54 13.51 -32.91 8.82
N ASN B 55 12.86 -32.50 7.74
CA ASN B 55 12.97 -31.14 7.24
C ASN B 55 11.61 -30.46 7.28
N SER B 56 11.34 -29.75 8.37
CA SER B 56 10.15 -28.93 8.45
C SER B 56 10.17 -27.79 7.45
N SER B 57 11.29 -27.56 6.77
CA SER B 57 11.30 -26.64 5.66
C SER B 57 10.53 -27.24 4.49
N MET B 58 9.86 -26.39 3.73
N MET B 58 9.83 -26.37 3.77
CA MET B 58 9.04 -26.86 2.62
CA MET B 58 9.01 -26.75 2.62
C MET B 58 7.91 -27.75 3.10
C MET B 58 7.90 -27.71 3.03
N ARG B 59 6.79 -27.15 3.50
CA ARG B 59 5.51 -27.83 3.42
C ARG B 59 5.13 -27.83 1.95
N TYR B 60 4.57 -28.94 1.47
CA TYR B 60 4.13 -29.01 0.08
C TYR B 60 2.90 -29.95 -0.04
N GLY B 61 2.25 -29.89 -1.22
CA GLY B 61 0.99 -30.62 -1.36
C GLY B 61 0.33 -30.42 -2.71
N TYR B 62 -0.82 -31.06 -2.84
CA TYR B 62 -1.47 -31.24 -4.13
C TYR B 62 -2.94 -30.92 -3.93
N TRP B 63 -3.46 -29.90 -4.67
CA TRP B 63 -4.92 -29.71 -4.88
C TRP B 63 -5.49 -30.70 -5.94
N PHE B 64 -6.60 -31.34 -5.63
CA PHE B 64 -7.21 -32.28 -6.56
C PHE B 64 -8.73 -32.40 -6.36
N ASP B 65 -9.40 -32.96 -7.35
CA ASP B 65 -10.83 -33.21 -7.27
C ASP B 65 -10.94 -34.64 -7.73
N CYS B 66 -11.56 -35.51 -6.92
CA CYS B 66 -11.68 -36.94 -7.24
C CYS B 66 -12.60 -37.22 -8.43
N ARG B 67 -13.43 -36.26 -8.80
CA ARG B 67 -14.23 -36.45 -10.00
C ARG B 67 -13.39 -36.38 -11.27
N MET B 68 -12.17 -35.84 -11.21
N MET B 68 -12.19 -35.81 -11.21
CA MET B 68 -11.38 -35.59 -12.40
CA MET B 68 -11.39 -35.58 -12.40
C MET B 68 -10.37 -36.69 -12.66
C MET B 68 -10.43 -36.72 -12.71
N GLY B 69 -10.43 -37.78 -11.91
CA GLY B 69 -9.55 -38.90 -12.16
C GLY B 69 -9.21 -39.67 -10.90
N ASN B 70 -8.54 -40.80 -11.13
CA ASN B 70 -8.02 -41.64 -10.04
C ASN B 70 -6.59 -41.24 -9.69
N PHE B 71 -6.36 -40.76 -8.46
CA PHE B 71 -5.07 -40.17 -8.06
C PHE B 71 -4.45 -41.00 -6.95
N TYR B 72 -3.11 -41.14 -6.94
CA TYR B 72 -2.33 -41.88 -5.93
C TYR B 72 -1.03 -41.14 -5.63
N ILE B 73 -0.41 -41.49 -4.50
CA ILE B 73 0.89 -40.96 -4.01
C ILE B 73 1.89 -42.14 -3.97
N GLN B 74 3.18 -41.84 -4.11
CA GLN B 74 4.32 -42.78 -4.09
C GLN B 74 5.54 -41.89 -3.80
N TYR B 75 6.39 -42.24 -2.86
CA TYR B 75 7.51 -41.33 -2.59
C TYR B 75 8.55 -41.49 -3.70
N ASP B 76 9.10 -40.39 -4.21
CA ASP B 76 10.16 -40.44 -5.23
C ASP B 76 11.50 -40.27 -4.52
N PRO B 77 12.35 -41.28 -4.43
CA PRO B 77 13.61 -41.09 -3.67
C PRO B 77 14.70 -40.31 -4.37
N LYS B 78 14.49 -39.97 -5.65
CA LYS B 78 15.46 -39.12 -6.33
C LYS B 78 15.16 -37.68 -5.95
N ASP B 79 13.91 -37.26 -6.21
CA ASP B 79 13.46 -35.92 -5.91
C ASP B 79 13.10 -35.74 -4.46
N GLY B 80 12.89 -36.83 -3.72
CA GLY B 80 12.79 -36.73 -2.27
C GLY B 80 11.44 -36.17 -1.87
N LEU B 81 10.40 -36.57 -2.54
CA LEU B 81 9.11 -36.07 -2.05
C LEU B 81 8.04 -37.07 -2.47
N TYR B 82 6.90 -36.98 -1.76
CA TYR B 82 5.68 -37.71 -2.07
C TYR B 82 5.02 -37.00 -3.24
N LYS B 83 4.92 -37.71 -4.38
CA LYS B 83 4.36 -37.17 -5.61
C LYS B 83 2.95 -37.67 -5.88
N MET B 84 2.08 -36.78 -6.35
CA MET B 84 0.78 -37.19 -6.82
C MET B 84 0.91 -37.65 -8.26
N MET B 85 0.15 -38.69 -8.58
CA MET B 85 0.16 -39.34 -9.90
C MET B 85 -1.27 -39.79 -10.22
N GLU B 86 -1.53 -40.03 -11.49
CA GLU B 86 -2.84 -40.47 -11.98
C GLU B 86 -2.67 -41.88 -12.58
N GLU B 87 -3.55 -42.82 -12.25
CA GLU B 87 -3.58 -44.17 -12.87
C GLU B 87 -4.67 -44.08 -13.91
N ARG B 88 -4.36 -44.16 -15.19
CA ARG B 88 -5.45 -44.07 -16.20
C ARG B 88 -6.24 -45.40 -16.15
N ASP B 89 -5.59 -46.52 -15.84
CA ASP B 89 -6.19 -47.86 -15.88
C ASP B 89 -7.16 -47.99 -14.70
N GLY B 90 -8.41 -47.62 -14.94
CA GLY B 90 -9.39 -47.64 -13.86
C GLY B 90 -9.56 -49.00 -13.22
N ALA B 91 -9.38 -50.09 -13.98
CA ALA B 91 -9.53 -51.48 -13.49
C ALA B 91 -8.43 -51.82 -12.48
N LYS B 92 -7.20 -51.36 -12.76
CA LYS B 92 -5.99 -51.60 -11.91
C LYS B 92 -6.13 -50.83 -10.61
N PHE B 93 -6.78 -49.67 -10.67
CA PHE B 93 -7.02 -48.77 -9.52
C PHE B 93 -8.02 -49.37 -8.56
N GLU B 94 -9.16 -49.81 -9.08
CA GLU B 94 -10.24 -50.38 -8.23
C GLU B 94 -9.66 -51.59 -7.52
N ASN B 95 -8.97 -52.43 -8.27
CA ASN B 95 -8.40 -53.69 -7.76
C ASN B 95 -7.37 -53.37 -6.67
N ILE B 96 -6.48 -52.40 -6.92
CA ILE B 96 -5.43 -52.03 -5.93
C ILE B 96 -6.09 -51.48 -4.66
N VAL B 97 -7.06 -50.58 -4.81
CA VAL B 97 -7.72 -49.89 -3.67
C VAL B 97 -8.49 -50.91 -2.84
N HIS B 98 -9.17 -51.83 -3.50
CA HIS B 98 -10.03 -52.84 -2.85
C HIS B 98 -9.15 -53.67 -1.91
N ASN B 99 -8.00 -54.11 -2.39
CA ASN B 99 -7.07 -54.98 -1.62
C ASN B 99 -6.61 -54.22 -0.37
N PHE B 100 -6.30 -52.94 -0.47
CA PHE B 100 -5.81 -52.18 0.71
C PHE B 100 -6.92 -51.98 1.73
N LYS B 101 -8.11 -51.61 1.24
CA LYS B 101 -9.33 -51.45 2.07
C LYS B 101 -9.59 -52.81 2.74
N GLU B 102 -9.31 -53.93 2.07
CA GLU B 102 -9.46 -55.24 2.67
C GLU B 102 -8.45 -55.43 3.80
N ARG B 103 -7.18 -55.08 3.55
CA ARG B 103 -6.15 -55.17 4.58
C ARG B 103 -6.21 -54.04 5.58
N GLN B 104 -7.18 -53.13 5.44
CA GLN B 104 -7.41 -52.01 6.36
C GLN B 104 -6.13 -51.20 6.59
N MET B 105 -5.42 -50.92 5.50
CA MET B 105 -4.21 -50.10 5.57
C MET B 105 -4.49 -48.65 5.20
N MET B 106 -5.73 -48.16 5.31
CA MET B 106 -6.04 -46.77 5.00
C MET B 106 -6.70 -46.08 6.17
N VAL B 107 -6.30 -44.81 6.40
CA VAL B 107 -6.93 -43.96 7.40
C VAL B 107 -8.20 -43.44 6.75
N SER B 108 -9.23 -43.18 7.53
CA SER B 108 -10.52 -42.70 7.02
C SER B 108 -10.63 -41.19 7.19
N TYR B 109 -10.96 -40.51 6.12
CA TYR B 109 -11.17 -39.05 6.17
C TYR B 109 -12.20 -38.78 7.28
N PRO B 110 -11.80 -38.12 8.37
CA PRO B 110 -12.59 -38.21 9.59
C PRO B 110 -13.57 -37.06 9.72
N LYS B 111 -14.54 -37.00 8.82
CA LYS B 111 -15.48 -35.90 8.84
C LYS B 111 -16.56 -36.13 9.90
N ILE B 112 -16.80 -35.11 10.70
CA ILE B 112 -17.93 -35.06 11.63
C ILE B 112 -19.16 -34.64 10.85
N ASP B 113 -20.26 -35.36 11.03
CA ASP B 113 -21.42 -35.15 10.18
C ASP B 113 -22.04 -33.77 10.35
N GLU B 114 -21.92 -33.18 11.55
CA GLU B 114 -22.34 -31.81 11.79
C GLU B 114 -21.42 -30.80 11.10
N ASP B 115 -20.21 -31.20 10.73
CA ASP B 115 -19.15 -30.25 10.44
C ASP B 115 -19.18 -29.81 8.98
N ASP B 116 -19.53 -28.55 8.76
CA ASP B 116 -19.43 -27.97 7.44
C ASP B 116 -18.17 -27.13 7.27
N THR B 117 -17.15 -27.32 8.12
CA THR B 117 -15.97 -26.45 7.95
C THR B 117 -15.41 -26.48 6.52
N TRP B 118 -15.18 -27.68 5.97
CA TRP B 118 -14.41 -27.72 4.74
C TRP B 118 -15.22 -27.10 3.62
N TYR B 119 -16.50 -27.46 3.52
CA TYR B 119 -17.39 -26.78 2.56
C TYR B 119 -17.31 -25.26 2.69
N ASN B 120 -17.33 -24.73 3.90
CA ASN B 120 -17.38 -23.29 4.03
C ASN B 120 -16.08 -22.66 3.62
N LEU B 121 -14.96 -23.38 3.75
CA LEU B 121 -13.67 -22.80 3.32
C LEU B 121 -13.47 -22.91 1.84
N THR B 122 -14.19 -23.80 1.16
CA THR B 122 -13.92 -24.10 -0.24
C THR B 122 -15.13 -23.82 -1.09
N GLU B 123 -16.15 -23.14 -0.52
CA GLU B 123 -17.41 -22.96 -1.23
C GLU B 123 -17.25 -22.58 -2.69
N PHE B 124 -16.41 -21.59 -2.98
CA PHE B 124 -16.27 -21.07 -4.33
C PHE B 124 -15.01 -21.55 -5.03
N VAL B 125 -14.30 -22.49 -4.48
CA VAL B 125 -13.05 -22.93 -5.07
C VAL B 125 -13.38 -24.05 -6.05
N GLN B 126 -12.85 -23.94 -7.27
N GLN B 126 -12.87 -23.90 -7.28
CA GLN B 126 -13.09 -24.87 -8.35
CA GLN B 126 -13.07 -24.84 -8.35
C GLN B 126 -11.76 -25.25 -8.98
C GLN B 126 -11.73 -25.26 -8.92
N MET B 127 -11.59 -26.53 -9.27
CA MET B 127 -10.30 -27.02 -9.78
C MET B 127 -9.90 -26.26 -11.04
N ASP B 128 -10.86 -26.01 -11.92
CA ASP B 128 -10.51 -25.37 -13.18
C ASP B 128 -9.82 -24.03 -12.94
N LYS B 129 -10.27 -23.28 -11.94
CA LYS B 129 -9.61 -22.00 -11.68
C LYS B 129 -8.28 -22.20 -10.97
N ILE B 130 -8.16 -23.21 -10.10
CA ILE B 130 -6.86 -23.51 -9.47
C ILE B 130 -5.81 -23.75 -10.55
N ARG B 131 -6.19 -24.55 -11.57
CA ARG B 131 -5.24 -24.93 -12.60
C ARG B 131 -4.80 -23.75 -13.46
N LYS B 132 -5.57 -22.66 -13.48
CA LYS B 132 -5.15 -21.46 -14.16
C LYS B 132 -4.22 -20.61 -13.32
N ILE B 133 -4.30 -20.74 -11.99
CA ILE B 133 -3.35 -20.05 -11.12
C ILE B 133 -2.05 -20.85 -10.99
N VAL B 134 -2.16 -22.16 -10.91
CA VAL B 134 -1.02 -23.06 -10.87
C VAL B 134 -0.92 -23.72 -12.24
N ARG B 135 -0.04 -23.22 -13.08
CA ARG B 135 0.01 -23.64 -14.48
C ARG B 135 0.93 -24.84 -14.63
N LYS B 136 0.31 -26.02 -14.81
CA LYS B 136 1.05 -27.24 -15.16
C LYS B 136 0.08 -28.19 -15.86
N ASP B 137 -0.19 -27.95 -17.14
CA ASP B 137 -1.39 -28.45 -17.79
C ASP B 137 -1.38 -29.94 -18.07
N GLU B 138 -0.25 -30.63 -17.96
CA GLU B 138 -0.30 -32.06 -18.20
C GLU B 138 -1.01 -32.81 -17.06
N ASN B 139 -1.02 -32.26 -15.84
CA ASN B 139 -1.66 -32.92 -14.72
C ASN B 139 -3.01 -32.30 -14.37
N GLN B 140 -3.88 -33.11 -13.81
CA GLN B 140 -5.21 -32.64 -13.44
C GLN B 140 -5.30 -32.10 -12.01
N PHE B 141 -4.24 -32.29 -11.20
CA PHE B 141 -4.03 -31.89 -9.83
C PHE B 141 -2.94 -30.81 -9.85
N SER B 142 -2.83 -30.04 -8.76
CA SER B 142 -1.88 -28.93 -8.72
C SER B 142 -0.95 -28.93 -7.53
N TYR B 143 0.34 -28.89 -7.78
CA TYR B 143 1.32 -28.81 -6.72
C TYR B 143 1.51 -27.38 -6.24
N VAL B 144 1.50 -27.18 -4.91
CA VAL B 144 1.90 -25.90 -4.31
C VAL B 144 2.87 -26.21 -3.16
N ASP B 145 3.82 -25.28 -2.92
CA ASP B 145 4.62 -25.33 -1.70
C ASP B 145 4.90 -23.96 -1.08
N SER B 146 5.61 -24.03 0.08
CA SER B 146 5.86 -22.84 0.90
C SER B 146 6.63 -21.76 0.13
N SER B 147 7.50 -22.17 -0.78
CA SER B 147 8.43 -21.20 -1.34
C SER B 147 7.94 -20.60 -2.63
N MET B 148 6.90 -21.12 -3.28
CA MET B 148 6.48 -20.57 -4.57
C MET B 148 6.11 -19.10 -4.47
N THR B 149 6.61 -18.33 -5.41
CA THR B 149 6.32 -16.91 -5.45
C THR B 149 5.15 -16.66 -6.40
N THR B 150 4.62 -15.44 -6.32
CA THR B 150 3.48 -15.05 -7.12
C THR B 150 3.93 -14.20 -8.33
N VAL B 151 3.06 -14.15 -9.34
CA VAL B 151 3.34 -13.34 -10.53
C VAL B 151 3.67 -11.91 -10.14
N GLN B 152 2.95 -11.35 -9.16
CA GLN B 152 3.22 -9.99 -8.72
C GLN B 152 4.54 -9.90 -7.97
N GLU B 153 4.94 -10.98 -7.30
CA GLU B 153 6.22 -10.98 -6.57
C GLU B 153 7.40 -10.98 -7.55
N ASN B 154 7.29 -11.73 -8.64
CA ASN B 154 8.36 -11.79 -9.64
C ASN B 154 8.53 -10.49 -10.41
N GLU B 155 7.54 -9.60 -10.33
CA GLU B 155 7.63 -8.27 -10.90
C GLU B 155 8.38 -7.30 -10.00
N LEU B 156 8.64 -7.67 -8.75
CA LEU B 156 9.31 -6.78 -7.80
C LEU B 156 10.70 -7.29 -7.45
N SER B 161 12.26 -16.32 -9.57
CA SER B 161 12.05 -15.62 -10.83
C SER B 161 11.65 -16.61 -11.93
N ASP B 162 11.36 -17.85 -11.53
CA ASP B 162 10.97 -18.89 -12.49
C ASP B 162 9.49 -18.79 -12.79
N PRO B 163 9.10 -18.50 -14.04
CA PRO B 163 7.65 -18.35 -14.32
C PRO B 163 6.88 -19.66 -14.29
N ALA B 164 7.53 -20.79 -14.57
CA ALA B 164 6.83 -22.07 -14.60
C ALA B 164 6.26 -22.43 -13.22
N HIS B 165 6.98 -22.07 -12.17
CA HIS B 165 6.71 -22.49 -10.80
C HIS B 165 6.12 -21.35 -9.98
N SER B 166 5.23 -20.56 -10.57
CA SER B 166 4.69 -19.38 -9.92
C SER B 166 3.21 -19.59 -9.64
N LEU B 167 2.66 -18.74 -8.76
CA LEU B 167 1.22 -18.62 -8.49
C LEU B 167 0.69 -17.41 -9.27
N ASN B 168 0.00 -17.67 -10.36
N ASN B 168 -0.01 -17.69 -10.37
CA ASN B 168 -0.52 -16.60 -11.22
CA ASN B 168 -0.59 -16.66 -11.23
C ASN B 168 -1.84 -16.05 -10.70
C ASN B 168 -1.90 -16.10 -10.65
N TYR B 169 -1.77 -15.52 -9.47
CA TYR B 169 -2.92 -14.85 -8.88
C TYR B 169 -3.20 -13.57 -9.68
N THR B 170 -4.45 -13.11 -9.63
CA THR B 170 -4.82 -11.87 -10.28
C THR B 170 -4.10 -10.73 -9.63
N VAL B 171 -3.39 -9.91 -10.42
CA VAL B 171 -2.62 -8.80 -9.88
C VAL B 171 -3.55 -7.66 -9.47
N ILE B 172 -3.38 -7.23 -8.25
CA ILE B 172 -4.17 -6.16 -7.63
C ILE B 172 -3.17 -5.12 -7.14
N ASN B 173 -3.35 -3.88 -7.56
CA ASN B 173 -2.38 -2.86 -7.16
C ASN B 173 -3.12 -1.53 -7.10
N PHE B 174 -3.29 -1.04 -5.88
CA PHE B 174 -4.10 0.15 -5.60
C PHE B 174 -3.47 1.44 -6.13
N LYS B 175 -2.17 1.47 -6.43
CA LYS B 175 -1.49 2.64 -7.05
C LYS B 175 -1.02 2.22 -8.44
N SER B 176 -1.99 1.97 -9.31
CA SER B 176 -1.76 1.55 -10.68
C SER B 176 -2.76 2.27 -11.57
N ARG B 177 -2.40 2.45 -12.84
CA ARG B 177 -3.34 3.02 -13.79
C ARG B 177 -4.57 2.15 -13.93
N GLU B 178 -4.47 0.85 -13.72
CA GLU B 178 -5.67 0.02 -13.82
C GLU B 178 -6.68 0.41 -12.75
N ALA B 179 -6.20 0.80 -11.60
CA ALA B 179 -7.05 1.05 -10.45
C ALA B 179 -7.55 2.49 -10.37
N ILE B 180 -6.93 3.40 -11.12
CA ILE B 180 -7.14 4.83 -10.97
C ILE B 180 -7.49 5.40 -12.32
N ARG B 181 -8.70 5.89 -12.47
CA ARG B 181 -9.11 6.53 -13.72
C ARG B 181 -8.54 7.95 -13.78
N PRO B 182 -7.98 8.36 -14.93
CA PRO B 182 -7.53 9.76 -15.10
C PRO B 182 -8.66 10.72 -14.82
N GLY B 183 -8.38 11.73 -14.00
CA GLY B 183 -9.37 12.68 -13.58
C GLY B 183 -10.22 12.28 -12.41
N HIS B 184 -10.11 11.03 -11.92
CA HIS B 184 -10.74 10.58 -10.69
C HIS B 184 -9.71 10.08 -9.69
N GLU B 185 -8.51 10.65 -9.70
CA GLU B 185 -7.41 10.19 -8.86
C GLU B 185 -7.84 10.03 -7.40
N MET B 186 -8.22 11.13 -6.77
CA MET B 186 -8.61 11.10 -5.39
C MET B 186 -9.81 10.21 -5.22
N GLU B 187 -10.78 10.35 -6.12
CA GLU B 187 -12.05 9.65 -5.90
C GLU B 187 -11.80 8.14 -5.89
N ASP B 188 -11.00 7.68 -6.86
CA ASP B 188 -10.86 6.26 -7.09
C ASP B 188 -9.90 5.64 -6.06
N PHE B 189 -9.04 6.44 -5.48
CA PHE B 189 -8.05 5.91 -4.54
C PHE B 189 -8.65 5.84 -3.17
N LEU B 190 -9.61 6.74 -2.85
CA LEU B 190 -10.25 6.63 -1.53
C LEU B 190 -11.51 5.73 -1.51
N ASP B 191 -12.05 5.39 -2.68
CA ASP B 191 -13.28 4.62 -2.83
C ASP B 191 -13.05 3.74 -4.04
N LYS B 192 -12.64 2.50 -3.77
CA LYS B 192 -12.17 1.60 -4.79
C LYS B 192 -13.31 0.90 -5.55
N SER B 193 -14.55 1.40 -5.47
CA SER B 193 -15.69 0.67 -6.04
C SER B 193 -15.50 0.47 -7.55
N TYR B 194 -14.96 1.45 -8.25
N TYR B 194 -14.99 1.48 -8.23
N TYR B 194 -14.99 1.46 -8.25
CA TYR B 194 -14.83 1.25 -9.70
CA TYR B 194 -14.71 1.39 -9.68
CA TYR B 194 -14.80 1.29 -9.68
C TYR B 194 -13.80 0.17 -10.02
C TYR B 194 -13.82 0.20 -9.98
C TYR B 194 -13.82 0.15 -9.97
N TYR B 195 -12.68 0.14 -9.28
CA TYR B 195 -11.72 -0.94 -9.44
C TYR B 195 -12.33 -2.28 -9.04
N LEU B 196 -13.09 -2.32 -7.95
CA LEU B 196 -13.68 -3.61 -7.59
C LEU B 196 -14.71 -4.03 -8.62
N ASN B 197 -15.67 -3.14 -8.93
CA ASN B 197 -16.92 -3.56 -9.60
C ASN B 197 -16.77 -3.61 -11.11
N THR B 198 -16.18 -2.57 -11.68
CA THR B 198 -16.00 -2.54 -13.13
C THR B 198 -14.74 -3.28 -13.59
N VAL B 199 -13.60 -2.96 -12.98
CA VAL B 199 -12.33 -3.48 -13.49
C VAL B 199 -12.22 -4.95 -13.15
N MET B 200 -12.45 -5.30 -11.89
CA MET B 200 -12.15 -6.65 -11.44
C MET B 200 -13.31 -7.63 -11.61
N LEU B 201 -14.42 -7.32 -10.96
CA LEU B 201 -15.61 -8.17 -11.07
C LEU B 201 -16.12 -8.23 -12.50
N GLN B 202 -16.55 -7.10 -13.07
N GLN B 202 -16.55 -7.10 -13.07
CA GLN B 202 -17.08 -7.12 -14.43
CA GLN B 202 -17.08 -7.16 -14.42
C GLN B 202 -15.99 -7.44 -15.44
C GLN B 202 -15.99 -7.43 -15.46
N GLY B 203 -14.83 -6.82 -15.30
CA GLY B 203 -13.78 -7.01 -16.28
C GLY B 203 -13.00 -8.32 -16.25
N ILE B 204 -12.47 -8.68 -15.09
CA ILE B 204 -11.51 -9.76 -14.97
C ILE B 204 -12.16 -11.04 -14.43
N PHE B 205 -12.83 -10.97 -13.28
CA PHE B 205 -13.37 -12.19 -12.63
C PHE B 205 -14.73 -12.61 -13.20
N LYS B 206 -15.45 -11.70 -13.87
CA LYS B 206 -16.79 -11.97 -14.40
C LYS B 206 -17.89 -11.99 -13.34
N ASN B 207 -17.66 -12.65 -12.19
CA ASN B 207 -18.68 -12.73 -11.16
C ASN B 207 -18.02 -12.85 -9.79
N SER B 208 -18.81 -12.66 -8.72
CA SER B 208 -18.22 -12.63 -7.38
C SER B 208 -17.79 -14.02 -6.93
N SER B 209 -18.32 -15.08 -7.54
CA SER B 209 -17.95 -16.44 -7.16
C SER B 209 -16.50 -16.76 -7.55
N ASN B 210 -16.05 -16.30 -8.75
CA ASN B 210 -14.65 -16.47 -9.16
C ASN B 210 -13.71 -15.64 -8.28
N TYR B 211 -14.11 -14.39 -7.99
CA TYR B 211 -13.42 -13.57 -6.99
C TYR B 211 -13.30 -14.28 -5.68
N PHE B 212 -14.43 -14.72 -5.10
CA PHE B 212 -14.35 -15.36 -3.79
C PHE B 212 -13.51 -16.60 -3.85
N GLY B 213 -13.56 -17.32 -4.98
CA GLY B 213 -12.84 -18.57 -5.09
C GLY B 213 -11.34 -18.38 -5.02
N GLU B 214 -10.82 -17.37 -5.70
CA GLU B 214 -9.42 -16.99 -5.62
C GLU B 214 -9.01 -16.53 -4.23
N LEU B 215 -9.85 -15.72 -3.58
CA LEU B 215 -9.69 -15.32 -2.20
C LEU B 215 -9.57 -16.54 -1.31
N GLN B 216 -10.51 -17.51 -1.40
CA GLN B 216 -10.40 -18.68 -0.53
C GLN B 216 -9.16 -19.54 -0.85
N PHE B 217 -8.83 -19.70 -2.12
CA PHE B 217 -7.63 -20.50 -2.50
C PHE B 217 -6.33 -19.86 -1.95
N ALA B 218 -6.25 -18.51 -2.07
CA ALA B 218 -5.13 -17.77 -1.50
C ALA B 218 -5.04 -18.02 0.00
N PHE B 219 -6.14 -17.92 0.74
CA PHE B 219 -6.03 -18.14 2.20
C PHE B 219 -5.56 -19.55 2.51
N LEU B 220 -6.12 -20.49 1.79
CA LEU B 220 -5.76 -21.85 2.13
C LEU B 220 -4.28 -22.13 1.87
N ASN B 221 -3.74 -21.57 0.79
CA ASN B 221 -2.32 -21.74 0.52
CA ASN B 221 -2.32 -21.72 0.50
C ASN B 221 -1.47 -21.02 1.57
N ALA B 222 -1.90 -19.81 2.02
CA ALA B 222 -1.22 -19.17 3.15
C ALA B 222 -1.26 -20.05 4.40
N MET B 223 -2.43 -20.66 4.72
CA MET B 223 -2.55 -21.37 5.98
C MET B 223 -1.84 -22.73 5.92
N PHE B 224 -2.09 -23.52 4.87
CA PHE B 224 -1.43 -24.81 4.84
C PHE B 224 0.03 -24.80 4.48
N PHE B 225 0.48 -23.92 3.61
CA PHE B 225 1.89 -23.92 3.18
C PHE B 225 2.70 -22.75 3.73
N GLY B 226 2.07 -21.86 4.49
CA GLY B 226 2.77 -20.65 4.90
C GLY B 226 3.32 -19.90 3.72
N ASN B 227 2.60 -19.90 2.60
CA ASN B 227 2.98 -19.21 1.38
C ASN B 227 2.70 -17.71 1.55
N TYR B 228 3.81 -16.95 1.62
CA TYR B 228 3.75 -15.53 1.92
C TYR B 228 2.99 -14.76 0.86
N GLY B 229 3.27 -15.04 -0.41
CA GLY B 229 2.57 -14.31 -1.48
C GLY B 229 1.07 -14.57 -1.52
N SER B 230 0.69 -15.78 -1.12
CA SER B 230 -0.73 -16.08 -1.03
C SER B 230 -1.40 -15.24 0.07
N SER B 231 -0.76 -15.13 1.23
CA SER B 231 -1.30 -14.28 2.27
C SER B 231 -1.44 -12.85 1.77
N LEU B 232 -0.39 -12.29 1.17
CA LEU B 232 -0.55 -11.00 0.51
C LEU B 232 -1.81 -10.91 -0.38
N GLN B 233 -2.08 -11.96 -1.16
CA GLN B 233 -3.15 -11.97 -2.14
C GLN B 233 -4.49 -11.95 -1.43
N TRP B 234 -4.61 -12.78 -0.40
CA TRP B 234 -5.83 -12.85 0.43
C TRP B 234 -6.13 -11.50 1.06
N HIS B 235 -5.11 -10.89 1.71
CA HIS B 235 -5.33 -9.55 2.28
C HIS B 235 -5.73 -8.52 1.24
N ALA B 236 -5.04 -8.56 0.09
CA ALA B 236 -5.33 -7.57 -0.93
C ALA B 236 -6.78 -7.69 -1.35
N MET B 237 -7.28 -8.90 -1.49
CA MET B 237 -8.66 -9.03 -1.99
C MET B 237 -9.69 -8.64 -0.96
N ILE B 238 -9.38 -8.85 0.31
CA ILE B 238 -10.27 -8.38 1.37
C ILE B 238 -10.28 -6.85 1.34
N GLU B 239 -9.09 -6.29 1.27
CA GLU B 239 -8.99 -4.84 1.36
C GLU B 239 -9.74 -4.14 0.25
N LEU B 240 -9.70 -4.70 -0.97
CA LEU B 240 -10.37 -4.04 -2.07
C LEU B 240 -11.87 -3.97 -1.84
N ILE B 241 -12.46 -5.03 -1.29
CA ILE B 241 -13.86 -4.95 -0.95
C ILE B 241 -14.12 -3.93 0.15
N CYS B 242 -13.40 -4.02 1.27
CA CYS B 242 -13.70 -3.16 2.42
C CYS B 242 -13.48 -1.70 2.11
N SER B 243 -12.57 -1.41 1.16
CA SER B 243 -12.24 -0.04 0.75
C SER B 243 -13.12 0.47 -0.40
N SER B 244 -14.18 -0.26 -0.73
CA SER B 244 -15.14 0.10 -1.76
C SER B 244 -16.42 0.52 -1.05
N ALA B 245 -16.89 1.73 -1.35
CA ALA B 245 -18.11 2.19 -0.71
C ALA B 245 -19.30 1.43 -1.27
N THR B 246 -19.24 1.03 -2.54
CA THR B 246 -20.40 0.47 -3.20
C THR B 246 -20.14 -1.00 -3.51
N VAL B 247 -20.74 -1.86 -2.71
CA VAL B 247 -20.47 -3.29 -2.85
C VAL B 247 -21.84 -3.98 -2.83
N PRO B 248 -22.13 -4.88 -3.76
CA PRO B 248 -23.43 -5.58 -3.72
C PRO B 248 -23.69 -6.21 -2.34
N LYS B 249 -24.96 -6.17 -1.93
CA LYS B 249 -25.31 -6.56 -0.58
C LYS B 249 -25.04 -8.04 -0.37
N HIS B 250 -25.20 -8.84 -1.44
CA HIS B 250 -25.01 -10.27 -1.31
C HIS B 250 -23.55 -10.60 -1.16
N MET B 251 -22.66 -9.77 -1.70
CA MET B 251 -21.24 -10.07 -1.55
C MET B 251 -20.74 -9.80 -0.12
N LEU B 252 -21.24 -8.71 0.50
CA LEU B 252 -20.82 -8.37 1.86
C LEU B 252 -21.20 -9.47 2.83
N ASP B 253 -22.46 -9.94 2.71
CA ASP B 253 -22.95 -11.00 3.58
C ASP B 253 -22.13 -12.27 3.35
N LYS B 254 -21.82 -12.57 2.10
CA LYS B 254 -21.05 -13.79 1.86
C LYS B 254 -19.62 -13.65 2.35
N LEU B 255 -19.00 -12.50 2.09
CA LEU B 255 -17.66 -12.25 2.63
C LEU B 255 -17.59 -12.43 4.14
N ASP B 256 -18.56 -11.85 4.86
CA ASP B 256 -18.55 -12.02 6.30
C ASP B 256 -18.52 -13.49 6.67
N GLU B 257 -19.31 -14.32 5.99
CA GLU B 257 -19.28 -15.75 6.31
C GLU B 257 -17.92 -16.37 5.94
N ILE B 258 -17.40 -16.02 4.77
CA ILE B 258 -16.16 -16.61 4.29
C ILE B 258 -15.04 -16.36 5.31
N LEU B 259 -14.91 -15.10 5.72
CA LEU B 259 -13.81 -14.73 6.58
C LEU B 259 -13.99 -15.36 7.94
N TYR B 260 -15.27 -15.40 8.35
CA TYR B 260 -15.60 -15.96 9.64
C TYR B 260 -15.01 -17.35 9.76
N TYR B 261 -15.28 -18.22 8.78
CA TYR B 261 -14.77 -19.58 8.82
C TYR B 261 -13.25 -19.62 8.65
N GLN B 262 -12.68 -18.65 7.96
CA GLN B 262 -11.22 -18.64 7.86
C GLN B 262 -10.56 -18.32 9.20
N ILE B 263 -11.06 -17.26 9.85
CA ILE B 263 -10.52 -16.90 11.15
C ILE B 263 -10.80 -18.02 12.13
N LYS B 264 -11.99 -18.63 12.07
CA LYS B 264 -12.23 -19.76 12.99
C LYS B 264 -11.19 -20.89 12.86
N THR B 265 -10.81 -21.20 11.62
CA THR B 265 -9.96 -22.35 11.33
C THR B 265 -8.45 -22.06 11.47
N LEU B 266 -8.06 -20.80 11.44
CA LEU B 266 -6.65 -20.49 11.55
C LEU B 266 -6.06 -21.05 12.83
N PRO B 267 -4.91 -21.72 12.79
CA PRO B 267 -4.24 -22.09 14.04
C PRO B 267 -3.97 -20.88 14.91
N GLU B 268 -4.30 -20.98 16.19
CA GLU B 268 -4.12 -19.84 17.08
C GLU B 268 -2.66 -19.40 17.16
N GLN B 269 -1.72 -20.34 17.05
CA GLN B 269 -0.31 -20.01 17.17
C GLN B 269 0.26 -19.41 15.88
N TYR B 270 -0.51 -19.37 14.81
CA TYR B 270 -0.02 -18.85 13.53
C TYR B 270 -0.52 -17.45 13.24
N SER B 271 -1.35 -16.87 14.10
CA SER B 271 -2.00 -15.60 13.78
C SER B 271 -1.01 -14.46 13.67
N ASP B 272 0.16 -14.56 14.29
CA ASP B 272 1.09 -13.44 14.28
C ASP B 272 1.71 -13.21 12.91
N ILE B 273 1.81 -14.26 12.08
CA ILE B 273 2.47 -14.14 10.78
C ILE B 273 1.47 -14.09 9.63
N LEU B 274 0.29 -14.69 9.83
CA LEU B 274 -0.71 -14.79 8.79
C LEU B 274 -1.72 -13.65 8.78
N LEU B 275 -1.79 -12.84 9.82
CA LEU B 275 -2.79 -11.79 9.88
C LEU B 275 -2.11 -10.43 9.82
N ASN B 276 -2.55 -9.58 8.91
CA ASN B 276 -1.98 -8.26 8.74
C ASN B 276 -2.74 -7.26 9.60
N GLU B 277 -2.10 -6.81 10.68
CA GLU B 277 -2.70 -5.84 11.59
C GLU B 277 -3.37 -4.70 10.84
N ARG B 278 -2.64 -4.07 9.92
CA ARG B 278 -3.16 -2.87 9.27
C ARG B 278 -4.42 -3.17 8.50
N VAL B 279 -4.38 -4.19 7.65
CA VAL B 279 -5.54 -4.47 6.80
C VAL B 279 -6.77 -4.73 7.66
N TRP B 280 -6.62 -5.51 8.74
CA TRP B 280 -7.79 -5.93 9.51
C TRP B 280 -8.33 -4.77 10.33
N ASN B 281 -7.44 -4.03 11.02
CA ASN B 281 -7.93 -2.84 11.72
C ASN B 281 -8.63 -1.89 10.77
N ILE B 282 -8.07 -1.70 9.58
CA ILE B 282 -8.70 -0.82 8.58
C ILE B 282 -10.06 -1.38 8.16
N CYS B 283 -10.10 -2.64 7.75
CA CYS B 283 -11.37 -3.23 7.30
C CYS B 283 -12.44 -3.25 8.40
N LEU B 284 -12.06 -3.57 9.62
CA LEU B 284 -13.05 -3.73 10.67
C LEU B 284 -13.44 -2.43 11.35
N TYR B 285 -12.62 -1.39 11.23
CA TYR B 285 -12.82 -0.16 12.03
C TYR B 285 -12.75 1.13 11.25
N SER B 286 -12.18 1.17 10.05
CA SER B 286 -12.08 2.42 9.31
C SER B 286 -12.84 2.39 8.01
N SER B 287 -12.90 1.23 7.37
CA SER B 287 -13.31 1.14 5.98
C SER B 287 -14.80 1.40 5.85
N PHE B 288 -15.19 1.59 4.60
CA PHE B 288 -16.61 1.77 4.31
C PHE B 288 -17.43 0.65 4.94
N GLN B 289 -16.83 -0.55 5.05
CA GLN B 289 -17.55 -1.76 5.45
C GLN B 289 -17.27 -2.17 6.91
N LYS B 290 -16.81 -1.21 7.73
CA LYS B 290 -16.56 -1.39 9.16
C LYS B 290 -17.76 -1.98 9.91
N ASN B 291 -18.98 -1.72 9.45
CA ASN B 291 -20.18 -2.16 10.14
C ASN B 291 -20.86 -3.32 9.43
N SER B 292 -20.20 -3.88 8.40
CA SER B 292 -20.85 -4.86 7.52
C SER B 292 -20.37 -6.30 7.72
N LEU B 293 -19.44 -6.53 8.63
CA LEU B 293 -18.86 -7.86 8.86
C LEU B 293 -19.04 -8.20 10.33
N HIS B 294 -20.27 -8.43 10.70
CA HIS B 294 -20.56 -8.62 12.11
C HIS B 294 -19.99 -9.91 12.61
N ASN B 295 -20.13 -10.98 11.85
CA ASN B 295 -19.66 -12.28 12.34
C ASN B 295 -18.13 -12.28 12.39
N THR B 296 -17.53 -11.76 11.34
CA THR B 296 -16.07 -11.65 11.30
C THR B 296 -15.56 -10.76 12.41
N GLU B 297 -16.19 -9.58 12.65
CA GLU B 297 -15.68 -8.71 13.72
C GLU B 297 -15.81 -9.40 15.08
N LYS B 298 -16.90 -10.15 15.31
CA LYS B 298 -17.11 -10.78 16.63
C LYS B 298 -16.10 -11.88 16.87
N ILE B 299 -15.82 -12.71 15.88
CA ILE B 299 -14.86 -13.77 16.16
C ILE B 299 -13.43 -13.17 16.26
N MET B 300 -13.09 -12.14 15.48
CA MET B 300 -11.74 -11.58 15.58
C MET B 300 -11.48 -10.94 16.94
N GLU B 301 -12.48 -10.19 17.43
CA GLU B 301 -12.39 -9.55 18.74
C GLU B 301 -12.31 -10.55 19.89
N ASN B 302 -13.03 -11.68 19.80
CA ASN B 302 -12.96 -12.68 20.88
C ASN B 302 -11.75 -13.59 20.81
N LYS B 303 -11.18 -13.79 19.62
CA LYS B 303 -10.10 -14.74 19.45
C LYS B 303 -8.73 -14.12 19.26
N TYR B 304 -8.67 -12.91 18.67
CA TYR B 304 -7.40 -12.22 18.49
C TYR B 304 -7.53 -10.75 18.85
N PRO B 305 -8.05 -10.41 20.04
CA PRO B 305 -8.05 -8.99 20.48
C PRO B 305 -6.67 -8.37 20.52
N GLU B 306 -5.62 -9.18 20.63
CA GLU B 306 -4.27 -8.63 20.71
C GLU B 306 -3.92 -7.89 19.42
N LEU B 307 -4.34 -8.41 18.29
CA LEU B 307 -3.98 -7.80 17.01
C LEU B 307 -4.62 -6.43 16.82
N LEU B 308 -5.79 -6.22 17.41
CA LEU B 308 -6.55 -4.99 17.17
C LEU B 308 -6.35 -3.99 18.32
C7 W5L C . 2.22 -47.49 -10.45
C8 W5L C . 3.47 -48.22 -11.04
C9 W5L C . 2.99 -49.27 -12.05
O1 W5L C . 4.39 -47.41 -11.72
C1 W5L C . -0.98 -47.38 -7.24
C5 W5L C . -1.87 -47.20 -9.39
C6 W5L C . -1.95 -47.09 -8.09
C4 W5L C . -0.71 -47.68 -9.92
C3 W5L C . 0.39 -48.01 -9.10
C2 W5L C . 0.27 -47.89 -7.75
CL W5L C . -3.34 -46.61 -7.49
C W5L C . -1.15 -47.19 -5.77
O W5L C . 1.57 -48.43 -9.60
N W5L C . 2.53 -48.48 -13.27
#